data_4U7O
#
_entry.id   4U7O
#
_cell.length_a   54.528
_cell.length_b   98.389
_cell.length_c   116.369
_cell.angle_alpha   90.00
_cell.angle_beta   90.00
_cell.angle_gamma   90.00
#
_symmetry.space_group_name_H-M   'P 21 21 21'
#
loop_
_entity.id
_entity.type
_entity.pdbx_description
1 polymer 'Histidine protein kinase sensor protein'
2 non-polymer 'AMP PHOSPHORAMIDATE'
3 water water
#
_entity_poly.entity_id   1
_entity_poly.type   'polypeptide(L)'
_entity_poly.pdbx_seq_one_letter_code
;MGSSHHHHHHSSGLVPRGSAEFHDVTEQQKIDNDRKQFVSNVSHELRTPLTSLRSYIEALSDGAWKDPEVAPGFLKVTQE
ETDRMIRMINELLSLSRMDSGTTRVDMELVNINEMFNYVLDRFDMILKKDDNPAKYYTIKREFTKRDLWVEIDTDKFTQV
LDNIMNNAIKYSPDGGVVTCRLLETHNQVIISISDQGLGIPRADLGHVFDRFFRVDKARSRAQGGTGLGLAISKEVVQML
GGRIWVDSVEGKGSTFYISLPYEPYEEEDLWDDDSQA
;
_entity_poly.pdbx_strand_id   A,B
#
loop_
_chem_comp.id
_chem_comp.type
_chem_comp.name
_chem_comp.formula
AN2 non-polymer 'AMP PHOSPHORAMIDATE' 'C10 H16 N6 O9 P2'
#
# COMPACT_ATOMS: atom_id res chain seq x y z
N VAL A 25 18.46 0.95 -29.85
CA VAL A 25 17.42 1.46 -30.72
C VAL A 25 16.06 1.02 -30.22
N THR A 26 15.63 -0.14 -30.70
CA THR A 26 14.40 -0.77 -30.28
C THR A 26 14.51 -1.21 -28.80
N GLU A 27 15.69 -1.65 -28.37
CA GLU A 27 15.89 -2.10 -26.98
C GLU A 27 15.45 -1.08 -25.91
N GLN A 28 15.98 0.14 -25.98
CA GLN A 28 15.57 1.21 -25.09
C GLN A 28 14.09 1.51 -25.28
N GLN A 29 13.64 1.31 -26.51
CA GLN A 29 12.31 1.68 -26.94
C GLN A 29 11.27 0.73 -26.34
N LYS A 30 11.59 -0.56 -26.40
CA LYS A 30 10.75 -1.58 -25.84
C LYS A 30 10.59 -1.30 -24.36
N ILE A 31 11.70 -1.00 -23.69
CA ILE A 31 11.66 -0.67 -22.27
C ILE A 31 10.73 0.51 -22.04
N ASP A 32 10.93 1.58 -22.81
CA ASP A 32 10.15 2.80 -22.62
C ASP A 32 8.68 2.55 -22.95
N ASN A 33 8.40 1.75 -23.97
CA ASN A 33 7.03 1.39 -24.25
C ASN A 33 6.36 0.60 -23.10
N ASP A 34 7.08 -0.36 -22.50
CA ASP A 34 6.52 -1.18 -21.44
C ASP A 34 6.23 -0.27 -20.26
N ARG A 35 7.14 0.67 -20.02
CA ARG A 35 6.95 1.60 -18.91
C ARG A 35 5.73 2.48 -19.15
N LYS A 36 5.60 2.99 -20.36
CA LYS A 36 4.48 3.84 -20.71
C LYS A 36 3.15 3.10 -20.53
N GLN A 37 3.11 1.85 -20.97
CA GLN A 37 1.90 1.04 -20.82
C GLN A 37 1.61 0.77 -19.35
N PHE A 38 2.65 0.45 -18.60
CA PHE A 38 2.51 0.11 -17.19
C PHE A 38 1.93 1.32 -16.44
N VAL A 39 2.47 2.49 -16.72
CA VAL A 39 1.95 3.71 -16.10
C VAL A 39 0.46 3.95 -16.48
N SER A 40 0.14 3.85 -17.75
CA SER A 40 -1.24 3.96 -18.18
C SER A 40 -2.16 2.97 -17.42
N ASN A 41 -1.72 1.73 -17.26
CA ASN A 41 -2.47 0.67 -16.58
C ASN A 41 -2.65 0.98 -15.10
N VAL A 42 -1.59 1.46 -14.46
CA VAL A 42 -1.67 1.80 -13.05
C VAL A 42 -2.73 2.86 -12.82
N SER A 43 -2.71 3.90 -13.65
CA SER A 43 -3.69 4.97 -13.61
C SER A 43 -5.14 4.47 -13.83
N HIS A 44 -5.34 3.63 -14.84
CA HIS A 44 -6.67 3.06 -15.04
C HIS A 44 -7.10 2.16 -13.86
N GLU A 45 -6.17 1.37 -13.32
CA GLU A 45 -6.53 0.40 -12.29
C GLU A 45 -6.76 1.04 -10.95
N LEU A 46 -6.06 2.13 -10.65
CA LEU A 46 -6.34 2.82 -9.39
C LEU A 46 -7.63 3.63 -9.52
N ARG A 47 -7.90 4.12 -10.72
CA ARG A 47 -9.02 4.98 -10.94
C ARG A 47 -10.35 4.23 -10.81
N THR A 48 -10.41 3.01 -11.29
CA THR A 48 -11.68 2.28 -11.34
C THR A 48 -12.31 2.02 -9.96
N PRO A 49 -11.56 1.54 -8.96
CA PRO A 49 -12.26 1.40 -7.67
C PRO A 49 -12.68 2.73 -7.06
N LEU A 50 -11.87 3.78 -7.22
CA LEU A 50 -12.17 5.10 -6.68
C LEU A 50 -13.47 5.62 -7.28
N THR A 51 -13.64 5.39 -8.58
CA THR A 51 -14.88 5.75 -9.28
C THR A 51 -16.08 4.98 -8.79
N SER A 52 -15.87 3.70 -8.49
CA SER A 52 -16.90 2.89 -7.87
C SER A 52 -17.26 3.41 -6.47
N LEU A 53 -16.23 3.69 -5.66
CA LEU A 53 -16.45 4.29 -4.35
C LEU A 53 -17.25 5.59 -4.43
N ARG A 54 -16.88 6.43 -5.37
CA ARG A 54 -17.54 7.71 -5.47
C ARG A 54 -19.04 7.48 -5.62
N SER A 55 -19.38 6.55 -6.48
CA SER A 55 -20.77 6.32 -6.78
C SER A 55 -21.54 5.81 -5.53
N TYR A 56 -20.95 4.92 -4.74
CA TYR A 56 -21.63 4.41 -3.53
C TYR A 56 -21.70 5.49 -2.44
N ILE A 57 -20.65 6.28 -2.28
CA ILE A 57 -20.64 7.35 -1.30
C ILE A 57 -21.66 8.43 -1.61
N GLU A 58 -21.85 8.73 -2.88
CA GLU A 58 -22.81 9.70 -3.32
C GLU A 58 -24.25 9.22 -3.08
N ALA A 59 -24.50 7.95 -3.35
CA ALA A 59 -25.80 7.41 -3.03
C ALA A 59 -26.00 7.49 -1.52
N LEU A 60 -24.96 7.18 -0.76
CA LEU A 60 -25.07 7.26 0.68
C LEU A 60 -25.37 8.69 1.11
N SER A 61 -24.63 9.64 0.57
CA SER A 61 -24.82 11.05 0.93
C SER A 61 -26.16 11.62 0.48
N ASP A 62 -26.73 11.07 -0.60
CA ASP A 62 -27.98 11.62 -1.10
C ASP A 62 -29.15 11.12 -0.30
N GLY A 63 -28.92 10.25 0.67
CA GLY A 63 -29.99 9.79 1.56
C GLY A 63 -30.03 8.31 1.89
N ALA A 64 -29.32 7.49 1.13
CA ALA A 64 -29.35 6.04 1.38
C ALA A 64 -28.83 5.71 2.78
N TRP A 65 -28.11 6.66 3.38
CA TRP A 65 -27.54 6.47 4.71
C TRP A 65 -28.64 6.39 5.78
N LYS A 66 -29.81 6.97 5.49
CA LYS A 66 -30.95 6.98 6.42
C LYS A 66 -31.67 5.68 6.34
N ASP A 67 -31.38 4.91 5.29
CA ASP A 67 -32.14 3.72 4.95
C ASP A 67 -31.44 2.41 5.35
N PRO A 68 -32.00 1.74 6.36
CA PRO A 68 -31.39 0.52 6.93
C PRO A 68 -31.40 -0.68 5.99
N GLU A 69 -32.23 -0.68 4.96
CA GLU A 69 -32.25 -1.79 4.01
C GLU A 69 -31.04 -1.77 3.05
N VAL A 70 -30.40 -0.61 2.89
CA VAL A 70 -29.32 -0.51 1.92
C VAL A 70 -28.06 0.12 2.47
N ALA A 71 -28.17 0.96 3.50
CA ALA A 71 -26.96 1.64 3.99
C ALA A 71 -25.89 0.63 4.42
N PRO A 72 -26.26 -0.40 5.21
CA PRO A 72 -25.16 -1.32 5.56
C PRO A 72 -24.55 -2.02 4.34
N GLY A 73 -25.38 -2.50 3.43
CA GLY A 73 -24.87 -3.15 2.23
C GLY A 73 -23.96 -2.24 1.42
N PHE A 74 -24.35 -0.98 1.32
CA PHE A 74 -23.56 -0.01 0.58
C PHE A 74 -22.21 0.23 1.27
N LEU A 75 -22.22 0.40 2.58
CA LEU A 75 -20.99 0.66 3.34
C LEU A 75 -19.99 -0.45 3.16
N LYS A 76 -20.50 -1.69 3.21
CA LYS A 76 -19.67 -2.87 3.08
C LYS A 76 -18.95 -2.88 1.74
N VAL A 77 -19.63 -2.50 0.66
CA VAL A 77 -18.96 -2.43 -0.63
C VAL A 77 -17.86 -1.37 -0.61
N THR A 78 -18.09 -0.22 0.02
CA THR A 78 -17.02 0.79 0.04
C THR A 78 -15.83 0.27 0.84
N GLN A 79 -16.12 -0.49 1.90
CA GLN A 79 -15.03 -1.05 2.68
C GLN A 79 -14.21 -2.06 1.85
N GLU A 80 -14.87 -2.90 1.08
CA GLU A 80 -14.15 -3.87 0.26
C GLU A 80 -13.34 -3.19 -0.86
N GLU A 81 -13.90 -2.16 -1.47
CA GLU A 81 -13.21 -1.50 -2.57
C GLU A 81 -11.99 -0.84 -1.99
N THR A 82 -12.18 -0.22 -0.82
CA THR A 82 -11.07 0.44 -0.16
C THR A 82 -9.95 -0.56 0.19
N ASP A 83 -10.32 -1.76 0.65
CA ASP A 83 -9.28 -2.75 0.97
C ASP A 83 -8.53 -3.20 -0.28
N ARG A 84 -9.25 -3.33 -1.38
CA ARG A 84 -8.64 -3.76 -2.61
C ARG A 84 -7.59 -2.71 -3.05
N MET A 85 -7.91 -1.44 -2.94
CA MET A 85 -6.93 -0.44 -3.31
C MET A 85 -5.72 -0.43 -2.39
N ILE A 86 -5.93 -0.73 -1.11
CA ILE A 86 -4.78 -0.77 -0.21
C ILE A 86 -3.90 -1.96 -0.56
N ARG A 87 -4.49 -3.11 -0.88
CA ARG A 87 -3.65 -4.21 -1.37
C ARG A 87 -2.91 -3.82 -2.66
N MET A 88 -3.58 -3.10 -3.56
CA MET A 88 -2.97 -2.77 -4.83
C MET A 88 -1.78 -1.83 -4.63
N ILE A 89 -1.99 -0.85 -3.77
CA ILE A 89 -0.95 0.09 -3.39
C ILE A 89 0.26 -0.62 -2.77
N ASN A 90 0.02 -1.54 -1.86
CA ASN A 90 1.14 -2.25 -1.28
C ASN A 90 1.89 -3.05 -2.35
N GLU A 91 1.14 -3.84 -3.15
CA GLU A 91 1.73 -4.56 -4.27
C GLU A 91 2.50 -3.63 -5.23
N LEU A 92 1.92 -2.50 -5.62
CA LEU A 92 2.63 -1.58 -6.54
C LEU A 92 3.91 -1.04 -5.88
N LEU A 93 3.86 -0.90 -4.56
CA LEU A 93 5.01 -0.37 -3.86
C LEU A 93 6.18 -1.37 -3.89
N SER A 94 5.88 -2.67 -3.78
CA SER A 94 6.95 -3.66 -3.79
C SER A 94 7.58 -3.73 -5.17
N LEU A 95 6.74 -3.65 -6.19
CA LEU A 95 7.20 -3.64 -7.55
C LEU A 95 8.12 -2.44 -7.80
N SER A 96 7.77 -1.28 -7.24
CA SER A 96 8.62 -0.11 -7.35
C SER A 96 9.95 -0.34 -6.66
N ARG A 97 9.89 -0.83 -5.42
CA ARG A 97 11.08 -1.05 -4.61
C ARG A 97 12.07 -1.96 -5.32
N MET A 98 11.54 -2.95 -6.05
CA MET A 98 12.41 -3.87 -6.76
C MET A 98 12.90 -3.23 -8.05
N ASP A 99 12.00 -2.57 -8.78
CA ASP A 99 12.39 -1.81 -9.97
C ASP A 99 13.53 -0.82 -9.69
N SER A 100 13.62 -0.38 -8.43
CA SER A 100 14.62 0.60 -7.99
C SER A 100 15.94 0.01 -7.57
N GLY A 101 15.98 -1.31 -7.44
CA GLY A 101 17.10 -1.94 -6.74
C GLY A 101 17.09 -1.70 -5.24
N THR A 102 16.07 -0.99 -4.75
CA THR A 102 15.97 -0.66 -3.34
C THR A 102 15.62 -1.88 -2.46
N THR A 103 15.08 -2.94 -3.07
CA THR A 103 14.59 -4.05 -2.27
C THR A 103 15.70 -4.88 -1.65
N ARG A 104 15.59 -5.02 -0.33
CA ARG A 104 16.52 -5.75 0.52
C ARG A 104 16.40 -7.24 0.16
N VAL A 105 17.43 -7.87 -0.39
CA VAL A 105 17.37 -9.32 -0.51
C VAL A 105 18.39 -10.07 0.36
N ASP A 106 17.88 -10.81 1.34
CA ASP A 106 18.71 -11.40 2.38
C ASP A 106 18.80 -12.92 2.20
N MET A 107 19.80 -13.36 1.45
CA MET A 107 20.00 -14.78 1.17
C MET A 107 20.54 -15.50 2.40
N GLU A 108 19.81 -16.47 2.92
CA GLU A 108 20.30 -17.27 4.04
C GLU A 108 20.10 -18.75 3.76
N LEU A 109 20.96 -19.57 4.32
CA LEU A 109 20.83 -20.99 4.16
C LEU A 109 19.66 -21.58 4.98
N VAL A 110 18.63 -22.09 4.31
CA VAL A 110 17.50 -22.66 5.04
C VAL A 110 17.06 -24.03 4.51
N ASN A 111 16.41 -24.80 5.38
CA ASN A 111 15.83 -26.10 5.02
C ASN A 111 14.54 -25.98 4.17
N ILE A 112 14.64 -26.15 2.85
CA ILE A 112 13.51 -25.93 1.97
C ILE A 112 12.34 -26.87 2.29
N ASN A 113 12.65 -28.13 2.61
CA ASN A 113 11.61 -29.11 2.95
C ASN A 113 10.73 -28.60 4.11
N GLU A 114 11.35 -28.28 5.22
CA GLU A 114 10.57 -27.85 6.39
C GLU A 114 9.89 -26.52 6.06
N MET A 115 10.52 -25.66 5.28
CA MET A 115 9.86 -24.40 4.99
C MET A 115 8.62 -24.60 4.11
N PHE A 116 8.74 -25.44 3.08
CA PHE A 116 7.60 -25.77 2.20
C PHE A 116 6.48 -26.50 2.99
N ASN A 117 6.84 -27.50 3.80
CA ASN A 117 5.87 -28.19 4.63
C ASN A 117 5.09 -27.24 5.56
N TYR A 118 5.77 -26.28 6.17
CA TYR A 118 5.11 -25.30 7.04
C TYR A 118 4.13 -24.46 6.22
N VAL A 119 4.54 -24.08 5.00
CA VAL A 119 3.65 -23.33 4.13
C VAL A 119 2.38 -24.13 3.84
N LEU A 120 2.53 -25.39 3.49
CA LEU A 120 1.38 -26.24 3.20
C LEU A 120 0.53 -26.46 4.46
N ASP A 121 1.19 -26.47 5.62
CA ASP A 121 0.49 -26.64 6.92
C ASP A 121 -0.50 -25.52 7.17
N ARG A 122 -0.10 -24.28 6.87
CA ARG A 122 -1.01 -23.14 7.05
C ARG A 122 -2.25 -23.36 6.17
N PHE A 123 -2.07 -23.85 4.94
CA PHE A 123 -3.21 -24.03 4.04
C PHE A 123 -4.13 -25.18 4.42
N ASP A 124 -3.56 -26.28 4.88
CA ASP A 124 -4.36 -27.40 5.38
C ASP A 124 -5.19 -26.98 6.58
N MET A 125 -4.60 -26.16 7.43
CA MET A 125 -5.23 -25.73 8.66
C MET A 125 -6.44 -24.84 8.36
N ILE A 126 -6.34 -24.01 7.32
CA ILE A 126 -7.48 -23.18 6.89
C ILE A 126 -8.70 -24.05 6.62
N LEU A 127 -8.46 -25.15 5.92
CA LEU A 127 -9.53 -26.08 5.58
C LEU A 127 -10.06 -26.79 6.78
N LYS A 128 -9.21 -27.04 7.76
CA LYS A 128 -9.63 -27.82 8.93
C LYS A 128 -10.83 -27.19 9.63
N LYS A 129 -11.11 -25.92 9.38
CA LYS A 129 -12.27 -25.28 9.99
C LYS A 129 -13.47 -25.09 9.05
N ASP A 130 -14.62 -25.58 9.51
CA ASP A 130 -15.89 -25.54 8.80
C ASP A 130 -16.36 -24.11 8.63
N ASP A 131 -16.32 -23.62 7.39
CA ASP A 131 -16.63 -22.20 7.12
C ASP A 131 -18.10 -21.81 6.77
N ASN A 132 -18.96 -22.65 6.16
CA ASN A 132 -18.67 -23.95 5.54
C ASN A 132 -17.61 -23.79 4.50
N PRO A 133 -16.83 -24.84 4.27
CA PRO A 133 -15.97 -24.65 3.11
C PRO A 133 -16.85 -24.45 1.86
N ALA A 134 -16.53 -23.46 1.05
CA ALA A 134 -17.20 -23.27 -0.23
C ALA A 134 -16.86 -24.49 -1.08
N LYS A 135 -15.58 -24.80 -1.12
CA LYS A 135 -15.06 -25.90 -1.91
C LYS A 135 -14.07 -26.71 -1.09
N TYR A 136 -14.14 -28.02 -1.28
CA TYR A 136 -13.16 -28.91 -0.69
C TYR A 136 -11.99 -29.18 -1.66
N TYR A 137 -10.80 -29.25 -1.11
CA TYR A 137 -9.61 -29.61 -1.88
C TYR A 137 -8.67 -30.45 -1.02
N THR A 138 -7.75 -31.15 -1.65
CA THR A 138 -6.76 -31.94 -0.96
C THR A 138 -5.40 -31.44 -1.35
N ILE A 139 -4.51 -31.31 -0.38
CA ILE A 139 -3.14 -31.03 -0.72
C ILE A 139 -2.29 -32.29 -0.63
N LYS A 140 -1.89 -32.80 -1.78
CA LYS A 140 -1.05 -33.98 -1.86
C LYS A 140 0.42 -33.58 -1.91
N ARG A 141 1.22 -34.13 -1.01
CA ARG A 141 2.64 -33.77 -0.96
C ARG A 141 3.55 -34.91 -1.49
N GLU A 142 4.44 -34.57 -2.42
CA GLU A 142 5.45 -35.52 -2.90
C GLU A 142 6.84 -34.93 -2.81
N PHE A 143 7.46 -34.99 -1.64
CA PHE A 143 8.79 -34.44 -1.44
C PHE A 143 9.88 -35.46 -1.56
N THR A 144 11.03 -35.09 -2.10
CA THR A 144 12.23 -35.92 -2.04
C THR A 144 12.59 -36.17 -0.59
N LYS A 145 13.26 -37.29 -0.35
CA LYS A 145 13.60 -37.70 1.00
C LYS A 145 14.79 -36.98 1.58
N ARG A 146 15.76 -36.62 0.75
CA ARG A 146 16.90 -35.96 1.34
C ARG A 146 16.56 -34.53 1.68
N ASP A 147 17.14 -34.00 2.75
CA ASP A 147 16.91 -32.61 3.13
C ASP A 147 17.64 -31.68 2.18
N LEU A 148 16.94 -30.66 1.68
CA LEU A 148 17.56 -29.72 0.78
C LEU A 148 17.81 -28.40 1.49
N TRP A 149 19.08 -28.11 1.73
CA TRP A 149 19.48 -26.84 2.31
C TRP A 149 19.89 -25.95 1.14
N VAL A 150 19.26 -24.79 1.02
CA VAL A 150 19.49 -23.89 -0.10
C VAL A 150 19.43 -22.44 0.37
N GLU A 151 20.27 -21.56 -0.17
CA GLU A 151 20.20 -20.17 0.25
C GLU A 151 19.06 -19.40 -0.41
N ILE A 152 18.12 -18.91 0.40
CA ILE A 152 17.04 -18.06 -0.10
C ILE A 152 16.65 -17.01 0.93
N ASP A 153 15.80 -16.08 0.50
CA ASP A 153 15.14 -15.14 1.37
C ASP A 153 13.75 -15.69 1.75
N THR A 154 13.62 -16.20 2.95
CA THR A 154 12.41 -16.89 3.39
C THR A 154 11.19 -16.00 3.37
N ASP A 155 11.31 -14.78 3.86
CA ASP A 155 10.17 -13.90 3.88
C ASP A 155 9.63 -13.78 2.45
N LYS A 156 10.49 -13.48 1.49
CA LYS A 156 10.00 -13.26 0.13
C LYS A 156 9.55 -14.53 -0.57
N PHE A 157 10.26 -15.62 -0.37
CA PHE A 157 9.93 -16.83 -1.06
C PHE A 157 8.63 -17.47 -0.56
N THR A 158 8.39 -17.41 0.75
CA THR A 158 7.12 -17.88 1.29
C THR A 158 5.98 -17.13 0.61
N GLN A 159 6.15 -15.82 0.41
CA GLN A 159 5.18 -15.03 -0.37
C GLN A 159 4.93 -15.60 -1.76
N VAL A 160 6.00 -16.04 -2.39
CA VAL A 160 5.84 -16.61 -3.70
C VAL A 160 5.03 -17.89 -3.65
N LEU A 161 5.38 -18.78 -2.71
CA LEU A 161 4.65 -20.04 -2.60
C LEU A 161 3.18 -19.76 -2.30
N ASP A 162 2.91 -18.76 -1.46
CA ASP A 162 1.53 -18.41 -1.09
C ASP A 162 0.69 -18.04 -2.31
N ASN A 163 1.29 -17.23 -3.16
CA ASN A 163 0.61 -16.71 -4.32
C ASN A 163 0.22 -17.90 -5.20
N ILE A 164 1.14 -18.85 -5.36
CA ILE A 164 0.87 -19.96 -6.26
C ILE A 164 -0.15 -20.93 -5.64
N MET A 165 -0.01 -21.19 -4.35
CA MET A 165 -0.95 -22.02 -3.62
C MET A 165 -2.36 -21.42 -3.61
N ASN A 166 -2.48 -20.12 -3.37
CA ASN A 166 -3.81 -19.48 -3.42
C ASN A 166 -4.46 -19.60 -4.80
N ASN A 167 -3.67 -19.41 -5.85
CA ASN A 167 -4.21 -19.55 -7.19
C ASN A 167 -4.67 -21.01 -7.41
N ALA A 168 -3.83 -21.95 -6.97
CA ALA A 168 -4.05 -23.34 -7.25
C ALA A 168 -5.37 -23.79 -6.60
N ILE A 169 -5.62 -23.26 -5.41
CA ILE A 169 -6.82 -23.57 -4.69
C ILE A 169 -7.99 -22.84 -5.34
N LYS A 170 -7.85 -21.55 -5.55
CA LYS A 170 -8.90 -20.79 -6.19
C LYS A 170 -9.36 -21.40 -7.54
N TYR A 171 -8.44 -21.91 -8.36
CA TYR A 171 -8.86 -22.45 -9.65
C TYR A 171 -9.07 -23.94 -9.64
N SER A 172 -9.08 -24.57 -8.46
CA SER A 172 -9.39 -25.99 -8.39
C SER A 172 -10.88 -26.23 -8.46
N PRO A 173 -11.28 -27.35 -9.07
CA PRO A 173 -12.66 -27.86 -9.08
C PRO A 173 -13.00 -28.32 -7.66
N ASP A 174 -14.28 -28.37 -7.35
CA ASP A 174 -14.68 -28.83 -6.03
C ASP A 174 -14.20 -30.27 -5.93
N GLY A 175 -13.49 -30.59 -4.85
CA GLY A 175 -12.94 -31.92 -4.72
C GLY A 175 -11.61 -32.06 -5.43
N GLY A 176 -11.01 -30.96 -5.94
CA GLY A 176 -9.80 -31.15 -6.71
C GLY A 176 -8.61 -31.49 -5.84
N VAL A 177 -7.59 -32.08 -6.43
CA VAL A 177 -6.36 -32.35 -5.70
C VAL A 177 -5.28 -31.32 -6.06
N VAL A 178 -4.66 -30.66 -5.08
CA VAL A 178 -3.52 -29.79 -5.39
C VAL A 178 -2.23 -30.54 -5.06
N THR A 179 -1.41 -30.79 -6.08
CA THR A 179 -0.24 -31.65 -5.91
C THR A 179 1.01 -30.84 -5.84
N CYS A 180 1.73 -30.99 -4.74
CA CYS A 180 2.90 -30.19 -4.44
C CYS A 180 4.16 -31.02 -4.36
N ARG A 181 5.11 -30.70 -5.21
CA ARG A 181 6.34 -31.46 -5.37
C ARG A 181 7.61 -30.68 -5.04
N LEU A 182 8.57 -31.37 -4.43
CA LEU A 182 9.89 -30.83 -4.18
C LEU A 182 10.86 -31.91 -4.63
N LEU A 183 11.60 -31.66 -5.70
CA LEU A 183 12.48 -32.64 -6.26
C LEU A 183 13.75 -31.93 -6.62
N GLU A 184 14.86 -32.62 -6.57
CA GLU A 184 16.09 -31.98 -6.97
C GLU A 184 16.73 -32.76 -8.10
N THR A 185 17.35 -32.04 -9.01
CA THR A 185 18.14 -32.65 -10.06
C THR A 185 19.60 -32.38 -9.69
N HIS A 186 20.52 -32.84 -10.52
CA HIS A 186 21.92 -32.61 -10.23
C HIS A 186 22.19 -31.14 -10.01
N ASN A 187 21.51 -30.32 -10.81
CA ASN A 187 21.83 -28.94 -10.88
C ASN A 187 20.84 -28.04 -10.12
N GLN A 188 19.60 -28.51 -10.00
CA GLN A 188 18.50 -27.67 -9.52
C GLN A 188 17.64 -28.20 -8.37
N VAL A 189 17.06 -27.28 -7.61
CA VAL A 189 15.92 -27.63 -6.80
C VAL A 189 14.67 -27.20 -7.54
N ILE A 190 13.73 -28.12 -7.70
CA ILE A 190 12.49 -27.85 -8.43
C ILE A 190 11.36 -28.00 -7.48
N ILE A 191 10.46 -27.02 -7.48
CA ILE A 191 9.21 -27.08 -6.77
C ILE A 191 8.10 -27.04 -7.79
N SER A 192 7.13 -27.94 -7.73
CA SER A 192 6.02 -27.75 -8.64
C SER A 192 4.67 -27.81 -7.93
N ILE A 193 3.73 -27.03 -8.43
CA ILE A 193 2.41 -26.94 -7.83
C ILE A 193 1.35 -27.08 -8.93
N SER A 194 0.61 -28.18 -8.86
CA SER A 194 -0.36 -28.56 -9.87
C SER A 194 -1.76 -28.48 -9.35
N ASP A 195 -2.69 -28.09 -10.21
CA ASP A 195 -4.12 -28.13 -9.93
C ASP A 195 -4.84 -28.85 -11.07
N GLN A 196 -6.10 -29.14 -10.88
CA GLN A 196 -6.89 -29.81 -11.90
C GLN A 196 -7.98 -28.90 -12.43
N GLY A 197 -7.70 -27.59 -12.48
CA GLY A 197 -8.71 -26.61 -12.83
C GLY A 197 -8.83 -26.41 -14.34
N LEU A 198 -9.38 -25.29 -14.78
CA LEU A 198 -9.55 -25.12 -16.23
C LEU A 198 -8.29 -24.81 -17.02
N GLY A 199 -7.20 -24.54 -16.33
CA GLY A 199 -5.96 -24.26 -17.04
C GLY A 199 -5.85 -22.87 -17.65
N ILE A 200 -4.85 -22.68 -18.50
CA ILE A 200 -4.55 -21.39 -19.10
C ILE A 200 -4.35 -21.49 -20.62
N PRO A 201 -5.01 -20.62 -21.39
CA PRO A 201 -4.81 -20.65 -22.85
C PRO A 201 -3.31 -20.56 -23.19
N ARG A 202 -2.88 -21.36 -24.16
CA ARG A 202 -1.48 -21.42 -24.58
C ARG A 202 -0.93 -20.06 -24.96
N ALA A 203 -1.77 -19.20 -25.52
CA ALA A 203 -1.33 -17.86 -25.89
C ALA A 203 -0.87 -17.06 -24.67
N ASP A 204 -1.35 -17.46 -23.49
CA ASP A 204 -1.18 -16.67 -22.26
C ASP A 204 -0.19 -17.20 -21.27
N LEU A 205 0.43 -18.34 -21.58
CA LEU A 205 1.33 -18.95 -20.64
C LEU A 205 2.40 -17.95 -20.23
N GLY A 206 2.76 -17.05 -21.14
CA GLY A 206 3.79 -16.09 -20.77
C GLY A 206 3.17 -14.91 -20.06
N HIS A 207 2.01 -14.49 -20.56
CA HIS A 207 1.44 -13.26 -20.09
C HIS A 207 0.98 -13.30 -18.63
N VAL A 208 0.76 -14.48 -18.05
CA VAL A 208 0.19 -14.53 -16.71
C VAL A 208 1.14 -13.95 -15.67
N PHE A 209 2.41 -13.82 -16.03
CA PHE A 209 3.30 -13.17 -15.09
C PHE A 209 3.35 -11.65 -15.30
N ASP A 210 2.57 -11.11 -16.24
CA ASP A 210 2.59 -9.66 -16.50
C ASP A 210 1.81 -8.87 -15.48
N ARG A 211 2.25 -7.65 -15.21
CA ARG A 211 1.59 -6.79 -14.27
C ARG A 211 0.20 -6.50 -14.79
N PHE A 212 -0.79 -6.74 -13.92
CA PHE A 212 -2.20 -6.56 -14.16
C PHE A 212 -2.82 -7.60 -15.12
N PHE A 213 -2.05 -8.59 -15.56
CA PHE A 213 -2.70 -9.56 -16.42
C PHE A 213 -3.61 -10.48 -15.63
N ARG A 214 -4.93 -10.44 -15.87
CA ARG A 214 -5.83 -11.45 -15.28
C ARG A 214 -6.56 -12.05 -16.47
N VAL A 215 -6.63 -13.37 -16.63
CA VAL A 215 -7.38 -13.95 -17.76
C VAL A 215 -8.87 -13.63 -17.65
N ASP A 216 -9.33 -13.33 -16.44
CA ASP A 216 -10.75 -13.19 -16.22
C ASP A 216 -11.18 -11.76 -16.08
N LYS A 217 -12.48 -11.56 -15.86
CA LYS A 217 -13.01 -10.22 -15.71
C LYS A 217 -13.98 -10.15 -14.52
N GLN A 223 -15.00 -8.89 -8.54
CA GLN A 223 -14.44 -9.08 -7.20
C GLN A 223 -12.93 -8.88 -7.17
N GLY A 224 -12.40 -8.82 -5.95
CA GLY A 224 -10.98 -8.58 -5.70
C GLY A 224 -9.99 -9.47 -6.41
N GLY A 225 -8.75 -8.99 -6.49
CA GLY A 225 -7.69 -9.68 -7.19
C GLY A 225 -7.07 -8.63 -8.09
N THR A 226 -5.79 -8.42 -8.00
CA THR A 226 -5.17 -7.28 -8.64
C THR A 226 -4.57 -7.63 -10.01
N GLY A 227 -4.10 -8.86 -10.14
CA GLY A 227 -3.30 -9.28 -11.29
C GLY A 227 -1.84 -8.88 -11.16
N LEU A 228 -1.41 -8.63 -9.93
CA LEU A 228 -0.02 -8.27 -9.69
C LEU A 228 0.74 -9.39 -9.00
N GLY A 229 0.03 -10.33 -8.37
CA GLY A 229 0.69 -11.36 -7.58
C GLY A 229 1.75 -12.14 -8.31
N LEU A 230 1.45 -12.60 -9.53
CA LEU A 230 2.42 -13.42 -10.22
C LEU A 230 3.58 -12.56 -10.74
N ALA A 231 3.33 -11.26 -10.95
CA ALA A 231 4.37 -10.33 -11.41
C ALA A 231 5.36 -10.11 -10.30
N ILE A 232 4.88 -9.96 -9.08
CA ILE A 232 5.74 -9.88 -7.92
C ILE A 232 6.52 -11.18 -7.78
N SER A 233 5.83 -12.30 -7.96
CA SER A 233 6.50 -13.60 -7.78
C SER A 233 7.61 -13.83 -8.77
N LYS A 234 7.34 -13.50 -10.04
CA LYS A 234 8.37 -13.68 -11.04
C LYS A 234 9.59 -12.83 -10.68
N GLU A 235 9.34 -11.61 -10.22
CA GLU A 235 10.45 -10.72 -9.93
C GLU A 235 11.24 -11.21 -8.74
N VAL A 236 10.53 -11.65 -7.70
CA VAL A 236 11.20 -12.19 -6.53
C VAL A 236 12.00 -13.43 -6.88
N VAL A 237 11.42 -14.33 -7.66
CA VAL A 237 12.20 -15.52 -7.99
C VAL A 237 13.46 -15.16 -8.76
N GLN A 238 13.37 -14.12 -9.59
CA GLN A 238 14.56 -13.73 -10.36
C GLN A 238 15.61 -13.10 -9.48
N MET A 239 15.20 -12.28 -8.51
CA MET A 239 16.19 -11.78 -7.54
C MET A 239 16.92 -12.92 -6.83
N LEU A 240 16.22 -14.02 -6.59
CA LEU A 240 16.84 -15.12 -5.82
C LEU A 240 17.74 -15.98 -6.69
N GLY A 241 17.86 -15.62 -7.96
CA GLY A 241 18.68 -16.40 -8.89
C GLY A 241 17.98 -17.57 -9.55
N GLY A 242 16.65 -17.58 -9.47
CA GLY A 242 15.88 -18.71 -9.97
C GLY A 242 15.01 -18.45 -11.17
N ARG A 243 14.14 -19.41 -11.49
CA ARG A 243 13.21 -19.29 -12.61
C ARG A 243 11.85 -19.81 -12.24
N ILE A 244 10.81 -19.20 -12.81
CA ILE A 244 9.43 -19.63 -12.57
C ILE A 244 8.68 -19.64 -13.88
N TRP A 245 7.82 -20.64 -14.10
CA TRP A 245 7.10 -20.70 -15.36
C TRP A 245 5.91 -21.58 -15.16
N VAL A 246 5.08 -21.71 -16.18
CA VAL A 246 3.90 -22.52 -16.00
C VAL A 246 3.66 -23.40 -17.22
N ASP A 247 3.19 -24.62 -16.98
CA ASP A 247 2.67 -25.45 -18.05
C ASP A 247 1.21 -25.68 -17.80
N SER A 248 0.44 -25.66 -18.87
CA SER A 248 -0.99 -25.88 -18.76
C SER A 248 -1.56 -26.40 -20.06
N VAL A 249 -2.60 -27.21 -19.91
CA VAL A 249 -3.42 -27.66 -21.02
C VAL A 249 -4.85 -27.30 -20.66
N GLU A 250 -5.48 -26.44 -21.47
CA GLU A 250 -6.82 -25.93 -21.12
C GLU A 250 -7.73 -27.10 -20.81
N GLY A 251 -8.46 -27.03 -19.70
CA GLY A 251 -9.33 -28.12 -19.29
C GLY A 251 -8.65 -29.18 -18.44
N LYS A 252 -7.31 -29.23 -18.47
CA LYS A 252 -6.55 -30.24 -17.72
C LYS A 252 -6.26 -29.70 -16.35
N GLY A 253 -5.59 -28.55 -16.32
CA GLY A 253 -5.16 -27.91 -15.10
C GLY A 253 -3.83 -27.24 -15.39
N SER A 254 -3.12 -26.85 -14.36
CA SER A 254 -1.89 -26.13 -14.59
C SER A 254 -0.83 -26.68 -13.68
N THR A 255 0.41 -26.49 -14.07
CA THR A 255 1.50 -26.80 -13.19
C THR A 255 2.49 -25.63 -13.24
N PHE A 256 2.68 -24.99 -12.09
CA PHE A 256 3.68 -23.93 -11.95
C PHE A 256 4.98 -24.51 -11.44
N TYR A 257 6.08 -24.01 -11.97
CA TYR A 257 7.40 -24.50 -11.61
C TYR A 257 8.23 -23.39 -11.05
N ILE A 258 8.98 -23.72 -10.02
CA ILE A 258 10.04 -22.86 -9.58
C ILE A 258 11.30 -23.66 -9.56
N SER A 259 12.35 -23.09 -10.16
CA SER A 259 13.69 -23.68 -10.16
C SER A 259 14.64 -22.80 -9.33
N LEU A 260 15.41 -23.42 -8.45
CA LEU A 260 16.42 -22.69 -7.69
C LEU A 260 17.78 -23.37 -7.85
N PRO A 261 18.85 -22.57 -8.00
CA PRO A 261 20.17 -23.19 -8.18
C PRO A 261 20.52 -24.03 -6.97
N TYR A 262 21.05 -25.22 -7.20
CA TYR A 262 21.36 -26.10 -6.08
C TYR A 262 22.86 -26.32 -5.90
N GLU A 263 23.39 -25.92 -4.74
CA GLU A 263 24.81 -26.09 -4.36
C GLU A 263 25.77 -25.33 -5.27
N GLN B 37 9.62 8.72 -10.19
CA GLN B 37 8.78 8.02 -11.15
C GLN B 37 7.33 7.97 -10.66
N PHE B 38 6.39 7.95 -11.62
CA PHE B 38 4.94 8.08 -11.34
C PHE B 38 4.33 7.03 -10.42
N VAL B 39 4.65 5.77 -10.68
CA VAL B 39 4.02 4.69 -9.96
C VAL B 39 4.35 4.77 -8.47
N SER B 40 5.65 4.89 -8.22
CA SER B 40 6.21 5.05 -6.90
C SER B 40 5.63 6.27 -6.13
N ASN B 41 5.51 7.41 -6.79
CA ASN B 41 4.93 8.56 -6.11
C ASN B 41 3.43 8.41 -5.83
N VAL B 42 2.67 8.00 -6.84
CA VAL B 42 1.23 7.92 -6.66
C VAL B 42 0.90 6.86 -5.61
N SER B 43 1.64 5.77 -5.63
CA SER B 43 1.44 4.74 -4.65
C SER B 43 1.73 5.24 -3.27
N HIS B 44 2.85 5.92 -3.12
CA HIS B 44 3.21 6.46 -1.84
C HIS B 44 2.18 7.46 -1.35
N GLU B 45 1.70 8.31 -2.23
CA GLU B 45 0.79 9.37 -1.80
C GLU B 45 -0.66 8.92 -1.57
N LEU B 46 -1.11 7.84 -2.21
CA LEU B 46 -2.46 7.36 -1.91
C LEU B 46 -2.62 6.71 -0.52
N ARG B 47 -1.54 6.32 0.12
CA ARG B 47 -1.64 5.52 1.34
C ARG B 47 -2.33 6.22 2.53
N THR B 48 -2.02 7.48 2.81
CA THR B 48 -2.69 8.19 3.89
C THR B 48 -4.16 8.44 3.62
N PRO B 49 -4.50 8.91 2.41
CA PRO B 49 -5.94 9.08 2.16
C PRO B 49 -6.71 7.75 2.18
N LEU B 50 -6.12 6.65 1.71
CA LEU B 50 -6.82 5.36 1.76
C LEU B 50 -7.06 4.95 3.21
N THR B 51 -6.08 5.21 4.06
CA THR B 51 -6.17 4.92 5.49
C THR B 51 -7.23 5.77 6.16
N SER B 52 -7.25 7.03 5.79
CA SER B 52 -8.24 7.97 6.25
C SER B 52 -9.63 7.56 5.75
N LEU B 53 -9.77 7.28 4.47
CA LEU B 53 -11.06 6.78 3.97
C LEU B 53 -11.48 5.50 4.70
N ARG B 54 -10.55 4.55 4.84
CA ARG B 54 -10.86 3.28 5.48
C ARG B 54 -11.36 3.58 6.90
N SER B 55 -10.71 4.53 7.55
CA SER B 55 -11.05 4.82 8.93
C SER B 55 -12.47 5.36 9.09
N TYR B 56 -12.89 6.28 8.21
CA TYR B 56 -14.21 6.87 8.32
C TYR B 56 -15.30 5.86 7.92
N ILE B 57 -15.02 5.01 6.94
CA ILE B 57 -15.96 3.97 6.53
C ILE B 57 -16.14 3.00 7.68
N GLU B 58 -15.07 2.77 8.43
CA GLU B 58 -15.14 1.86 9.54
C GLU B 58 -16.02 2.40 10.67
N ALA B 59 -15.88 3.69 10.95
CA ALA B 59 -16.70 4.38 11.97
C ALA B 59 -18.18 4.34 11.56
N LEU B 60 -18.44 4.56 10.28
CA LEU B 60 -19.80 4.48 9.76
C LEU B 60 -20.35 3.06 9.94
N SER B 61 -19.58 2.06 9.51
CA SER B 61 -20.05 0.67 9.58
C SER B 61 -20.25 0.22 10.99
N ASP B 62 -19.46 0.78 11.91
CA ASP B 62 -19.52 0.36 13.32
C ASP B 62 -20.70 0.95 14.01
N GLY B 63 -21.48 1.76 13.32
CA GLY B 63 -22.69 2.27 13.93
C GLY B 63 -22.94 3.75 13.72
N ALA B 64 -21.91 4.52 13.36
CA ALA B 64 -22.11 5.95 13.20
C ALA B 64 -23.12 6.25 12.09
N TRP B 65 -23.39 5.25 11.24
CA TRP B 65 -24.35 5.43 10.15
C TRP B 65 -25.75 5.63 10.71
N LYS B 66 -25.97 5.22 11.96
CA LYS B 66 -27.28 5.37 12.61
C LYS B 66 -27.45 6.75 13.27
N ASP B 67 -26.35 7.47 13.42
CA ASP B 67 -26.35 8.71 14.17
C ASP B 67 -26.50 9.91 13.26
N PRO B 68 -27.67 10.54 13.26
CA PRO B 68 -27.89 11.65 12.32
C PRO B 68 -27.02 12.87 12.64
N GLU B 69 -26.46 12.92 13.85
CA GLU B 69 -25.58 14.03 14.25
C GLU B 69 -24.21 13.98 13.58
N VAL B 70 -23.79 12.79 13.15
CA VAL B 70 -22.43 12.66 12.63
C VAL B 70 -22.31 12.01 11.26
N ALA B 71 -23.26 11.16 10.88
CA ALA B 71 -23.11 10.43 9.64
C ALA B 71 -22.90 11.36 8.44
N PRO B 72 -23.69 12.44 8.29
CA PRO B 72 -23.46 13.28 7.09
C PRO B 72 -22.06 13.89 7.02
N GLY B 73 -21.55 14.38 8.15
CA GLY B 73 -20.22 14.92 8.22
C GLY B 73 -19.18 13.87 7.85
N PHE B 74 -19.38 12.65 8.32
CA PHE B 74 -18.42 11.62 7.98
C PHE B 74 -18.48 11.30 6.47
N LEU B 75 -19.69 11.17 5.92
CA LEU B 75 -19.84 10.88 4.51
C LEU B 75 -19.20 11.96 3.67
N LYS B 76 -19.36 13.21 4.12
CA LYS B 76 -18.81 14.36 3.42
C LYS B 76 -17.28 14.27 3.32
N VAL B 77 -16.63 13.82 4.40
CA VAL B 77 -15.18 13.62 4.39
C VAL B 77 -14.79 12.50 3.43
N THR B 78 -15.53 11.40 3.39
CA THR B 78 -15.17 10.33 2.47
C THR B 78 -15.33 10.79 1.00
N GLN B 79 -16.35 11.59 0.77
CA GLN B 79 -16.58 12.14 -0.54
C GLN B 79 -15.41 13.06 -0.94
N GLU B 80 -14.96 13.86 0.01
CA GLU B 80 -13.82 14.74 -0.25
C GLU B 80 -12.52 13.98 -0.44
N GLU B 81 -12.28 12.94 0.35
CA GLU B 81 -11.03 12.20 0.18
C GLU B 81 -11.03 11.43 -1.14
N THR B 82 -12.15 10.79 -1.46
CA THR B 82 -12.27 10.08 -2.72
C THR B 82 -12.05 11.01 -3.92
N ASP B 83 -12.64 12.19 -3.90
CA ASP B 83 -12.44 13.10 -5.02
C ASP B 83 -10.97 13.53 -5.07
N ARG B 84 -10.37 13.76 -3.90
CA ARG B 84 -8.97 14.18 -3.83
C ARG B 84 -8.08 13.08 -4.40
N MET B 85 -8.40 11.82 -4.10
CA MET B 85 -7.57 10.77 -4.65
C MET B 85 -7.70 10.69 -6.19
N ILE B 86 -8.90 10.96 -6.71
CA ILE B 86 -9.08 10.93 -8.14
C ILE B 86 -8.32 12.08 -8.83
N ARG B 87 -8.35 13.26 -8.24
CA ARG B 87 -7.57 14.38 -8.80
C ARG B 87 -6.08 14.09 -8.76
N MET B 88 -5.66 13.43 -7.69
CA MET B 88 -4.26 13.15 -7.44
C MET B 88 -3.66 12.23 -8.51
N ILE B 89 -4.39 11.19 -8.86
CA ILE B 89 -3.94 10.27 -9.87
C ILE B 89 -3.72 11.01 -11.20
N ASN B 90 -4.69 11.84 -11.57
CA ASN B 90 -4.60 12.59 -12.80
C ASN B 90 -3.44 13.58 -12.80
N GLU B 91 -3.34 14.38 -11.76
CA GLU B 91 -2.29 15.37 -11.61
C GLU B 91 -0.93 14.75 -11.81
N LEU B 92 -0.68 13.69 -11.04
CA LEU B 92 0.60 12.96 -11.08
C LEU B 92 0.83 12.25 -12.42
N LEU B 93 -0.24 11.79 -13.07
CA LEU B 93 -0.13 11.20 -14.40
C LEU B 93 0.26 12.20 -15.48
N SER B 94 -0.29 13.41 -15.37
CA SER B 94 0.01 14.48 -16.32
C SER B 94 1.44 14.98 -16.18
N LEU B 95 1.95 15.09 -14.95
CA LEU B 95 3.33 15.55 -14.75
C LEU B 95 4.36 14.69 -15.50
N SER B 96 4.12 13.39 -15.59
CA SER B 96 4.97 12.51 -16.39
C SER B 96 4.94 12.86 -17.88
N THR B 103 1.35 19.78 -14.56
CA THR B 103 1.05 21.04 -15.25
C THR B 103 0.70 22.13 -14.22
N ARG B 104 -0.51 22.01 -13.66
CA ARG B 104 -1.02 22.94 -12.66
C ARG B 104 -0.37 22.98 -11.28
N VAL B 105 0.13 24.17 -10.91
CA VAL B 105 0.31 24.47 -9.50
C VAL B 105 -0.75 25.54 -9.28
N ASP B 106 -1.79 25.18 -8.53
CA ASP B 106 -3.00 25.97 -8.51
C ASP B 106 -3.08 26.74 -7.22
N MET B 107 -2.51 27.93 -7.22
CA MET B 107 -2.45 28.80 -6.06
C MET B 107 -3.79 29.41 -5.70
N GLU B 108 -4.24 29.15 -4.48
CA GLU B 108 -5.45 29.77 -3.97
C GLU B 108 -5.16 30.40 -2.62
N LEU B 109 -5.86 31.48 -2.32
CA LEU B 109 -5.77 32.08 -1.00
C LEU B 109 -6.61 31.24 -0.03
N VAL B 110 -5.95 30.59 0.93
CA VAL B 110 -6.64 29.64 1.77
C VAL B 110 -6.50 29.97 3.24
N ASN B 111 -7.54 29.66 4.00
CA ASN B 111 -7.51 29.79 5.44
C ASN B 111 -6.74 28.62 6.04
N ILE B 112 -5.48 28.82 6.42
CA ILE B 112 -4.63 27.73 6.88
C ILE B 112 -5.15 27.07 8.15
N ASN B 113 -5.69 27.89 9.03
CA ASN B 113 -6.27 27.43 10.28
C ASN B 113 -7.26 26.32 10.01
N GLU B 114 -8.22 26.60 9.14
CA GLU B 114 -9.26 25.65 8.86
C GLU B 114 -8.68 24.45 8.13
N MET B 115 -7.76 24.72 7.22
CA MET B 115 -7.21 23.69 6.35
C MET B 115 -6.36 22.68 7.14
N PHE B 116 -5.54 23.20 8.05
CA PHE B 116 -4.76 22.41 8.98
C PHE B 116 -5.69 21.61 9.93
N ASN B 117 -6.73 22.30 10.43
CA ASN B 117 -7.71 21.67 11.30
C ASN B 117 -8.40 20.50 10.64
N TYR B 118 -8.77 20.66 9.37
CA TYR B 118 -9.38 19.60 8.63
C TYR B 118 -8.41 18.39 8.50
N VAL B 119 -7.14 18.68 8.23
CA VAL B 119 -6.16 17.60 8.13
C VAL B 119 -6.08 16.83 9.46
N LEU B 120 -5.91 17.57 10.56
CA LEU B 120 -5.78 16.93 11.86
C LEU B 120 -7.08 16.19 12.25
N ASP B 121 -8.24 16.65 11.79
CA ASP B 121 -9.46 15.92 12.09
C ASP B 121 -9.37 14.50 11.49
N ARG B 122 -8.86 14.36 10.26
CA ARG B 122 -8.72 13.02 9.70
C ARG B 122 -7.75 12.18 10.51
N PHE B 123 -6.63 12.75 10.93
CA PHE B 123 -5.67 11.94 11.66
C PHE B 123 -6.22 11.56 13.02
N ASP B 124 -7.06 12.40 13.63
CA ASP B 124 -7.73 11.92 14.85
C ASP B 124 -8.62 10.72 14.53
N MET B 125 -9.29 10.73 13.37
CA MET B 125 -10.18 9.62 13.06
C MET B 125 -9.36 8.36 12.82
N ILE B 126 -8.22 8.49 12.13
CA ILE B 126 -7.32 7.37 11.95
C ILE B 126 -6.91 6.80 13.31
N LEU B 127 -6.61 7.69 14.25
CA LEU B 127 -6.19 7.24 15.58
C LEU B 127 -7.30 6.53 16.35
N LYS B 128 -8.55 7.02 16.28
CA LYS B 128 -9.61 6.35 17.04
C LYS B 128 -9.97 4.94 16.53
N LYS B 129 -9.74 4.68 15.25
CA LYS B 129 -10.13 3.40 14.66
C LYS B 129 -8.90 2.54 14.50
N ASP B 130 -7.84 3.02 15.12
CA ASP B 130 -6.54 2.38 15.20
C ASP B 130 -6.68 1.14 16.10
N ASP B 131 -5.71 0.23 16.05
CA ASP B 131 -5.76 -0.98 16.85
C ASP B 131 -5.17 -0.75 18.24
N ASN B 132 -4.34 0.29 18.34
CA ASN B 132 -3.82 0.74 19.62
C ASN B 132 -4.90 1.06 20.64
N PRO B 133 -4.56 0.96 21.95
CA PRO B 133 -5.38 1.40 23.08
C PRO B 133 -5.78 2.86 22.91
N ALA B 134 -6.96 3.25 23.39
CA ALA B 134 -7.37 4.65 23.29
C ALA B 134 -6.38 5.59 24.00
N LYS B 135 -6.16 6.75 23.39
CA LYS B 135 -5.22 7.77 23.88
C LYS B 135 -3.77 7.27 23.93
N TYR B 136 -3.41 6.36 23.04
CA TYR B 136 -2.04 5.86 22.95
C TYR B 136 -1.24 6.87 22.13
N TYR B 137 -1.99 7.65 21.36
CA TYR B 137 -1.48 8.75 20.56
C TYR B 137 -2.42 9.92 20.81
N THR B 138 -1.88 11.12 20.92
CA THR B 138 -2.70 12.32 21.13
C THR B 138 -2.32 13.41 20.15
N ILE B 139 -3.30 14.08 19.56
CA ILE B 139 -2.97 15.27 18.81
C ILE B 139 -3.39 16.53 19.55
N LYS B 140 -2.40 17.27 20.03
CA LYS B 140 -2.61 18.53 20.71
C LYS B 140 -2.48 19.72 19.73
N ARG B 141 -3.50 20.56 19.63
CA ARG B 141 -3.44 21.67 18.68
C ARG B 141 -3.16 22.98 19.39
N GLU B 142 -2.20 23.74 18.87
CA GLU B 142 -1.90 25.06 19.41
C GLU B 142 -1.95 26.09 18.28
N PHE B 143 -3.15 26.52 17.88
CA PHE B 143 -3.24 27.49 16.80
C PHE B 143 -3.43 28.89 17.40
N THR B 144 -2.84 29.89 16.76
CA THR B 144 -3.11 31.30 17.07
C THR B 144 -4.58 31.52 16.73
N LYS B 145 -5.23 32.48 17.39
CA LYS B 145 -6.68 32.69 17.22
C LYS B 145 -7.00 33.43 15.92
N ARG B 146 -6.08 34.25 15.42
CA ARG B 146 -6.39 34.97 14.20
C ARG B 146 -6.34 34.03 13.02
N ASP B 147 -7.18 34.32 12.04
CA ASP B 147 -7.23 33.56 10.83
C ASP B 147 -6.03 33.92 9.97
N LEU B 148 -5.31 32.91 9.50
CA LEU B 148 -4.16 33.12 8.64
C LEU B 148 -4.43 32.69 7.21
N TRP B 149 -4.45 33.65 6.31
CA TRP B 149 -4.68 33.41 4.88
C TRP B 149 -3.37 33.35 4.12
N VAL B 150 -3.16 32.29 3.36
CA VAL B 150 -1.90 32.10 2.64
C VAL B 150 -2.19 31.51 1.27
N GLU B 151 -1.44 31.94 0.27
CA GLU B 151 -1.58 31.43 -1.07
C GLU B 151 -0.92 30.07 -1.14
N ILE B 152 -1.70 29.01 -1.39
CA ILE B 152 -1.14 27.68 -1.56
C ILE B 152 -1.89 26.86 -2.60
N ASP B 153 -1.33 25.71 -2.93
CA ASP B 153 -2.02 24.64 -3.65
C ASP B 153 -2.57 23.67 -2.61
N THR B 154 -3.88 23.68 -2.39
CA THR B 154 -4.44 22.93 -1.27
C THR B 154 -4.14 21.43 -1.37
N ASP B 155 -4.30 20.86 -2.56
CA ASP B 155 -4.03 19.43 -2.75
C ASP B 155 -2.57 19.08 -2.43
N LYS B 156 -1.62 19.87 -2.94
CA LYS B 156 -0.21 19.51 -2.76
C LYS B 156 0.19 19.69 -1.30
N PHE B 157 -0.29 20.74 -0.66
CA PHE B 157 0.11 21.01 0.72
C PHE B 157 -0.50 20.00 1.70
N THR B 158 -1.71 19.53 1.42
CA THR B 158 -2.27 18.44 2.21
C THR B 158 -1.32 17.23 2.18
N GLN B 159 -0.76 16.94 1.01
CA GLN B 159 0.23 15.86 0.87
C GLN B 159 1.38 16.08 1.83
N VAL B 160 1.82 17.33 1.95
CA VAL B 160 2.90 17.63 2.86
C VAL B 160 2.49 17.36 4.30
N LEU B 161 1.34 17.87 4.71
CA LEU B 161 0.91 17.69 6.08
C LEU B 161 0.71 16.18 6.35
N ASP B 162 0.12 15.46 5.39
CA ASP B 162 -0.06 14.02 5.53
C ASP B 162 1.24 13.29 5.79
N ASN B 163 2.29 13.59 5.02
CA ASN B 163 3.53 12.86 5.20
C ASN B 163 4.13 13.14 6.57
N ILE B 164 4.08 14.40 7.00
CA ILE B 164 4.71 14.74 8.26
C ILE B 164 3.92 14.19 9.44
N MET B 165 2.61 14.28 9.41
CA MET B 165 1.78 13.68 10.46
C MET B 165 1.96 12.16 10.49
N ASN B 166 1.94 11.55 9.32
CA ASN B 166 2.09 10.11 9.24
C ASN B 166 3.48 9.70 9.75
N ASN B 167 4.51 10.47 9.40
CA ASN B 167 5.84 10.17 9.96
C ASN B 167 5.86 10.31 11.48
N ALA B 168 5.19 11.35 11.95
CA ALA B 168 5.20 11.69 13.36
C ALA B 168 4.59 10.54 14.13
N ILE B 169 3.57 9.92 13.54
CA ILE B 169 2.95 8.77 14.15
C ILE B 169 3.76 7.51 13.95
N LYS B 170 4.13 7.22 12.70
CA LYS B 170 4.88 6.00 12.38
C LYS B 170 6.16 5.89 13.20
N TYR B 171 6.84 7.01 13.45
CA TYR B 171 8.13 6.92 14.13
C TYR B 171 8.03 7.16 15.64
N SER B 172 6.82 7.16 16.16
CA SER B 172 6.59 7.05 17.60
C SER B 172 6.00 5.68 17.95
N PRO B 173 6.75 4.58 17.78
CA PRO B 173 6.12 3.29 18.10
C PRO B 173 5.63 3.15 19.53
N ASP B 174 6.37 3.67 20.50
CA ASP B 174 5.93 3.62 21.89
C ASP B 174 4.71 4.51 22.21
N GLY B 175 4.26 5.29 21.23
CA GLY B 175 3.14 6.20 21.43
C GLY B 175 3.58 7.59 21.85
N GLY B 176 2.63 8.46 22.21
CA GLY B 176 3.03 9.82 22.51
C GLY B 176 2.07 10.93 22.09
N VAL B 177 2.45 12.16 22.41
CA VAL B 177 1.70 13.33 21.99
C VAL B 177 2.29 13.94 20.72
N VAL B 178 1.45 14.20 19.74
CA VAL B 178 1.90 14.95 18.60
C VAL B 178 1.37 16.38 18.75
N THR B 179 2.28 17.35 18.84
CA THR B 179 1.92 18.74 19.08
C THR B 179 1.99 19.54 17.79
N CYS B 180 0.88 20.19 17.42
CA CYS B 180 0.81 20.91 16.16
C CYS B 180 0.57 22.40 16.38
N ARG B 181 1.51 23.21 15.91
CA ARG B 181 1.49 24.64 16.15
C ARG B 181 1.31 25.37 14.83
N LEU B 182 0.55 26.45 14.89
CA LEU B 182 0.31 27.34 13.77
C LEU B 182 0.45 28.78 14.27
N LEU B 183 1.42 29.50 13.72
CA LEU B 183 1.69 30.87 14.15
C LEU B 183 2.19 31.73 12.98
N GLU B 184 2.11 33.05 13.14
CA GLU B 184 2.69 33.93 12.15
C GLU B 184 3.71 34.80 12.88
N THR B 185 4.86 35.01 12.25
CA THR B 185 5.87 35.91 12.77
C THR B 185 6.79 36.32 11.63
N HIS B 186 7.45 37.46 11.77
CA HIS B 186 8.39 37.93 10.76
C HIS B 186 7.90 37.76 9.33
N ASN B 187 6.63 38.08 9.12
CA ASN B 187 5.93 37.81 7.86
C ASN B 187 6.05 36.38 7.31
N GLN B 188 6.11 35.42 8.21
CA GLN B 188 6.05 34.03 7.79
C GLN B 188 4.94 33.37 8.58
N VAL B 189 4.23 32.47 7.92
CA VAL B 189 3.31 31.60 8.58
C VAL B 189 4.08 30.34 8.83
N ILE B 190 4.09 29.89 10.08
CA ILE B 190 4.89 28.75 10.47
C ILE B 190 4.03 27.66 11.08
N ILE B 191 4.26 26.45 10.60
CA ILE B 191 3.65 25.27 11.15
C ILE B 191 4.77 24.44 11.69
N SER B 192 4.61 23.95 12.91
CA SER B 192 5.56 22.99 13.43
C SER B 192 4.79 21.80 13.97
N ILE B 193 5.36 20.61 13.80
CA ILE B 193 4.76 19.34 14.21
C ILE B 193 5.79 18.58 15.00
N SER B 194 5.53 18.37 16.29
CA SER B 194 6.49 17.77 17.20
C SER B 194 6.01 16.42 17.66
N ASP B 195 6.92 15.47 17.82
CA ASP B 195 6.56 14.17 18.39
C ASP B 195 7.50 13.82 19.51
N GLN B 196 7.16 12.73 20.22
CA GLN B 196 7.99 12.23 21.31
C GLN B 196 8.53 10.88 20.90
N GLY B 197 8.77 10.74 19.60
CA GLY B 197 9.14 9.48 18.99
C GLY B 197 10.61 9.10 19.00
N LEU B 198 10.97 8.28 18.03
CA LEU B 198 12.35 7.92 17.85
C LEU B 198 12.93 9.21 17.32
N GLY B 199 14.20 9.47 17.51
CA GLY B 199 14.64 10.75 17.00
C GLY B 199 15.27 10.57 15.63
N ILE B 200 16.11 11.53 15.29
CA ILE B 200 16.89 11.43 14.08
C ILE B 200 18.32 11.78 14.47
N PRO B 201 19.29 10.95 14.08
CA PRO B 201 20.72 11.25 14.32
C PRO B 201 21.10 12.62 13.73
N ARG B 202 21.91 13.41 14.45
CA ARG B 202 22.30 14.74 13.99
C ARG B 202 22.96 14.73 12.64
N ALA B 203 23.71 13.66 12.38
CA ALA B 203 24.41 13.48 11.11
C ALA B 203 23.43 13.32 9.95
N ASP B 204 22.19 12.95 10.26
CA ASP B 204 21.23 12.64 9.21
C ASP B 204 20.15 13.71 9.04
N LEU B 205 20.19 14.75 9.88
CA LEU B 205 19.19 15.80 9.80
C LEU B 205 19.08 16.44 8.43
N GLY B 206 20.20 16.50 7.70
CA GLY B 206 20.21 17.10 6.38
C GLY B 206 19.78 16.09 5.33
N HIS B 207 20.24 14.86 5.54
CA HIS B 207 20.02 13.82 4.56
C HIS B 207 18.55 13.42 4.46
N VAL B 208 17.75 13.73 5.48
CA VAL B 208 16.38 13.19 5.53
C VAL B 208 15.46 13.75 4.47
N PHE B 209 15.81 14.88 3.87
CA PHE B 209 14.97 15.38 2.77
C PHE B 209 15.38 14.87 1.40
N ASP B 210 16.45 14.07 1.34
CA ASP B 210 16.92 13.53 0.07
C ASP B 210 16.06 12.35 -0.40
N ARG B 211 15.86 12.19 -1.72
CA ARG B 211 15.08 11.06 -2.20
C ARG B 211 15.77 9.75 -1.86
N PHE B 212 14.94 8.84 -1.37
CA PHE B 212 15.29 7.48 -0.99
C PHE B 212 16.10 7.38 0.28
N PHE B 213 16.40 8.49 0.93
CA PHE B 213 17.13 8.38 2.18
C PHE B 213 16.25 7.91 3.35
N ARG B 214 16.62 6.78 3.93
CA ARG B 214 16.00 6.31 5.16
C ARG B 214 17.07 6.10 6.21
N VAL B 215 16.82 6.58 7.41
CA VAL B 215 17.75 6.37 8.52
C VAL B 215 17.85 4.88 8.78
N ASP B 216 19.07 4.34 8.80
CA ASP B 216 19.21 2.91 8.97
C ASP B 216 19.73 2.51 10.35
N LYS B 217 18.81 2.47 11.29
CA LYS B 217 19.08 1.98 12.64
C LYS B 217 17.90 1.08 13.00
N ALA B 218 17.65 0.88 14.29
CA ALA B 218 16.67 -0.10 14.77
C ALA B 218 15.28 -0.01 14.10
N ARG B 219 14.57 1.11 14.29
CA ARG B 219 13.17 1.19 13.89
C ARG B 219 12.85 2.41 13.02
N GLN B 223 11.48 -0.44 9.63
CA GLN B 223 10.16 0.02 9.18
C GLN B 223 10.23 1.37 8.47
N GLY B 224 9.13 1.76 7.84
CA GLY B 224 9.11 3.01 7.11
C GLY B 224 8.63 2.84 5.68
N GLY B 225 9.51 2.38 4.80
CA GLY B 225 9.13 2.24 3.41
C GLY B 225 10.13 2.81 2.42
N THR B 226 9.72 3.82 1.67
CA THR B 226 10.46 4.20 0.47
C THR B 226 11.51 5.27 0.69
N GLY B 227 11.27 6.15 1.66
CA GLY B 227 12.16 7.29 1.82
C GLY B 227 11.82 8.38 0.82
N LEU B 228 10.56 8.45 0.40
CA LEU B 228 10.14 9.48 -0.56
C LEU B 228 9.33 10.61 0.06
N GLY B 229 8.64 10.33 1.16
CA GLY B 229 7.68 11.30 1.69
C GLY B 229 8.24 12.70 1.90
N LEU B 230 9.41 12.79 2.52
CA LEU B 230 9.95 14.09 2.87
C LEU B 230 10.56 14.78 1.65
N ALA B 231 10.99 13.99 0.67
CA ALA B 231 11.54 14.58 -0.56
C ALA B 231 10.41 15.21 -1.38
N ILE B 232 9.28 14.49 -1.45
CA ILE B 232 8.07 15.01 -2.09
C ILE B 232 7.63 16.26 -1.36
N SER B 233 7.69 16.22 -0.03
CA SER B 233 7.22 17.33 0.78
C SER B 233 8.08 18.56 0.55
N LYS B 234 9.40 18.38 0.52
CA LYS B 234 10.30 19.51 0.33
C LYS B 234 10.05 20.16 -1.03
N GLU B 235 9.80 19.32 -2.02
CA GLU B 235 9.57 19.80 -3.36
C GLU B 235 8.33 20.67 -3.39
N VAL B 236 7.28 20.22 -2.71
CA VAL B 236 6.06 20.99 -2.71
C VAL B 236 6.28 22.32 -1.97
N VAL B 237 6.89 22.25 -0.80
CA VAL B 237 7.06 23.43 0.02
C VAL B 237 7.91 24.49 -0.68
N GLN B 238 8.92 24.06 -1.40
CA GLN B 238 9.75 25.04 -2.11
C GLN B 238 8.99 25.63 -3.30
N MET B 239 8.21 24.79 -3.96
CA MET B 239 7.33 25.20 -5.05
C MET B 239 6.38 26.30 -4.60
N LEU B 240 5.94 26.23 -3.35
CA LEU B 240 5.01 27.22 -2.81
C LEU B 240 5.70 28.45 -2.27
N GLY B 241 7.02 28.55 -2.45
CA GLY B 241 7.78 29.69 -1.97
C GLY B 241 8.22 29.61 -0.50
N GLY B 242 8.10 28.41 0.09
CA GLY B 242 8.36 28.25 1.51
C GLY B 242 9.62 27.48 1.85
N ARG B 243 9.75 27.13 3.12
CA ARG B 243 10.93 26.41 3.61
C ARG B 243 10.51 25.33 4.62
N ILE B 244 11.24 24.22 4.68
CA ILE B 244 10.96 23.14 5.63
C ILE B 244 12.29 22.71 6.22
N TRP B 245 12.32 22.41 7.50
CA TRP B 245 13.55 22.01 8.20
C TRP B 245 13.18 21.24 9.44
N VAL B 246 14.14 20.65 10.11
CA VAL B 246 13.80 19.78 11.21
C VAL B 246 14.79 19.93 12.34
N ASP B 247 14.32 19.84 13.58
CA ASP B 247 15.24 19.68 14.68
C ASP B 247 14.89 18.37 15.40
N SER B 248 15.91 17.70 15.93
CA SER B 248 15.67 16.42 16.54
C SER B 248 16.69 16.01 17.57
N VAL B 249 16.22 15.22 18.52
CA VAL B 249 17.09 14.54 19.49
C VAL B 249 16.85 13.04 19.46
N GLU B 250 17.91 12.29 19.21
CA GLU B 250 17.79 10.86 18.94
C GLU B 250 16.95 10.05 19.91
N GLY B 251 16.99 10.36 21.20
CA GLY B 251 16.17 9.60 22.11
C GLY B 251 14.85 10.25 22.50
N LYS B 252 14.76 11.56 22.27
CA LYS B 252 13.64 12.36 22.74
C LYS B 252 12.47 12.51 21.74
N GLY B 253 12.78 12.88 20.50
CA GLY B 253 11.76 13.14 19.51
C GLY B 253 12.19 14.15 18.47
N SER B 254 11.23 14.61 17.66
CA SER B 254 11.53 15.48 16.53
C SER B 254 10.55 16.60 16.41
N THR B 255 10.98 17.69 15.77
CA THR B 255 10.12 18.79 15.36
C THR B 255 10.40 19.22 13.93
N PHE B 256 9.42 19.04 13.06
CA PHE B 256 9.51 19.49 11.69
C PHE B 256 8.85 20.84 11.59
N TYR B 257 9.45 21.74 10.81
CA TYR B 257 8.96 23.10 10.66
C TYR B 257 8.66 23.35 9.20
N ILE B 258 7.55 24.03 8.91
CA ILE B 258 7.26 24.55 7.55
C ILE B 258 7.04 26.05 7.62
N SER B 259 7.71 26.80 6.76
CA SER B 259 7.48 28.23 6.69
C SER B 259 6.89 28.64 5.34
N LEU B 260 5.85 29.47 5.36
CA LEU B 260 5.25 29.98 4.13
C LEU B 260 5.20 31.50 4.15
N PRO B 261 5.40 32.11 2.98
CA PRO B 261 5.33 33.57 2.95
C PRO B 261 3.94 34.06 3.38
N TYR B 262 3.89 35.11 4.18
CA TYR B 262 2.61 35.57 4.70
C TYR B 262 2.01 36.63 3.82
N GLU B 263 2.63 37.81 3.81
CA GLU B 263 2.22 38.91 2.93
C GLU B 263 3.41 39.84 2.66
N3B AN2 C . -4.22 -13.48 -7.65
PB AN2 C . -3.93 -12.24 -8.68
O2B AN2 C . -5.12 -11.41 -8.96
O1B AN2 C . -2.95 -11.23 -8.07
O3A AN2 C . -3.49 -12.72 -10.13
PA AN2 C . -2.10 -13.41 -10.48
O1A AN2 C . -1.02 -12.40 -10.82
O2A AN2 C . -1.70 -14.23 -9.27
O5' AN2 C . -2.42 -14.37 -11.72
C5' AN2 C . -2.80 -13.68 -12.91
C4' AN2 C . -3.68 -14.59 -13.75
O4' AN2 C . -3.07 -15.70 -14.05
C3' AN2 C . -4.95 -15.01 -12.96
O3' AN2 C . -5.97 -14.12 -13.05
C2' AN2 C . -5.35 -16.29 -13.72
O2' AN2 C . -6.15 -15.88 -14.91
C1' AN2 C . -4.22 -16.83 -14.12
N9 AN2 C . -3.85 -17.88 -13.28
C8 AN2 C . -2.91 -17.81 -12.28
N7 AN2 C . -2.83 -19.02 -11.69
C5 AN2 C . -3.72 -19.84 -12.32
C4 AN2 C . -4.34 -19.12 -13.29
N3 AN2 C . -5.29 -19.67 -14.07
C2 AN2 C . -5.60 -21.00 -13.88
N1 AN2 C . -4.99 -21.72 -12.92
C6 AN2 C . -4.06 -21.16 -12.13
N6 AN2 C . -3.44 -22.00 -11.12
N3B AN2 D . 8.60 7.24 5.79
PB AN2 D . 9.18 7.35 4.25
O2B AN2 D . 9.70 5.99 3.86
O1B AN2 D . 8.15 7.83 3.24
O3A AN2 D . 10.39 8.36 4.16
PA AN2 D . 10.44 9.93 4.46
O1A AN2 D . 10.85 10.69 3.20
O2A AN2 D . 9.12 10.54 4.89
O5' AN2 D . 11.50 10.10 5.65
C5' AN2 D . 12.85 9.72 5.46
C4' AN2 D . 13.40 9.26 6.83
O4' AN2 D . 13.31 10.18 7.76
C3' AN2 D . 12.51 8.12 7.37
O3' AN2 D . 12.90 6.99 6.75
C2' AN2 D . 12.83 8.17 8.88
O2' AN2 D . 14.12 7.44 9.08
C1' AN2 D . 13.03 9.45 9.16
N9 AN2 D . 11.97 10.17 9.77
C8 AN2 D . 11.02 10.90 9.11
N7 AN2 D . 10.19 11.43 10.05
C5 AN2 D . 10.64 11.06 11.30
C4 AN2 D . 11.73 10.28 11.12
N3 AN2 D . 12.37 9.77 12.21
C2 AN2 D . 11.93 10.05 13.48
N1 AN2 D . 10.84 10.85 13.65
C6 AN2 D . 10.18 11.35 12.59
N6 AN2 D . 9.03 12.18 12.82
#